data_1A31
#
_entry.id   1A31
#
_cell.length_a   72.000
_cell.length_b   66.600
_cell.length_c   71.800
_cell.angle_alpha   90.00
_cell.angle_beta   98.30
_cell.angle_gamma   90.00
#
_symmetry.space_group_name_H-M   'P 1 21 1'
#
loop_
_entity.id
_entity.type
_entity.pdbx_description
1 polymer "DNA (5'-D(*AP*AP*AP*AP*AP*GP*AP*CP*5IUP*5IU*TP*GP*AP*AP*AP*AP*AP*5IUP*5IUP*5IUP*5IUP*T)-3')"
2 polymer "DNA (5'-D(*AP*AP*AP*AP*AP*TP*5IUP*5IUP*5IUP*5IUP*CP*AP*AP*AP*GP*TP*CP*TP*TP*TP*TP*T)-3')"
3 polymer 'PROTEIN (TOPOISOMERASE I)'
4 water water
#
loop_
_entity_poly.entity_id
_entity_poly.type
_entity_poly.pdbx_seq_one_letter_code
_entity_poly.pdbx_strand_id
1 'polydeoxyribonucleotide'
;(DA)(DA)(DA)(DA)(DA)(DG)(DA)(DC)(5IU)(5IU)(DT)(DG)(DA)(DA)(DA)(DA)(DA)(5IU)(5IU)
(5IU)(5IU)(DT)
;
C
2 'polydeoxyribonucleotide'
;(DA)(DA)(DA)(DA)(DA)(DT)(5IU)(5IU)(5IU)(5IU)(DC)(DA)(DA)(DA)(DG)(DT)(DC)(DT)(DT)
(DT)(DT)(DT)
;
D
3 'polypeptide(L)'
;KPKNKDKDKKVPEPDNKKKKPKKEEEQKWKWWEEERYPEGIKWKFLEHKGPVFAPPYEPLPENVKFYYDGKVMKLSPKAE
EVATFFAKMLDHEYTTKEIFRKNFFKDWRKEMTNEEKNIITNLSKCDFTQMSQYFKAQTEARKQMSKEEKLKIKEENEKL
LKEYGFCIMDNHKERIANFKIEPPGLFRGRGNHPKMGMLKRRIMPEDIIINCSKDAKVPSPPPGHKWKEVRHDNKVTWLV
SWTENIQGSIKYIMLNPSSRIKGEKDWQKYETARRLKKCVDKIRNQYREDWKSKEMKVRQRAVALYFIDKLALRAGNEKE
EGETADTVGCCSLRVEHINLHPELDGQEYVVEFDFLGKDSIRYYNKVPVEKRVFKNLQLFMENKQPEDDLFDRLNTGILN
KHLQDLMEGLTAKVFRTYNASITLQQQLKELTAPDENIPAKILSYNRANRAVAILCNHQRAPPKTFEKSMMNLQTKIDAK
KEQLADARRDLKSAKADAKVMKDAKTKKVVESKKKAVQRLEEQLMKLEVQATDREENKQIALGTSKLN(PTR)LDPRITV
AWCKKWGVPIEKIYNKTQREKFAWAIDMADEDYEF
;
A
#
loop_
_chem_comp.id
_chem_comp.type
_chem_comp.name
_chem_comp.formula
5IU DNA linking 5-IODO-2'-DEOXYURIDINE-5'-MONOPHOSPHATE 'C9 H12 I N2 O8 P'
DA DNA linking 2'-DEOXYADENOSINE-5'-MONOPHOSPHATE 'C10 H14 N5 O6 P'
DC DNA linking 2'-DEOXYCYTIDINE-5'-MONOPHOSPHATE 'C9 H14 N3 O7 P'
DG DNA linking 2'-DEOXYGUANOSINE-5'-MONOPHOSPHATE 'C10 H14 N5 O7 P'
DT DNA linking THYMIDINE-5'-MONOPHOSPHATE 'C10 H15 N2 O8 P'
#
# COMPACT_ATOMS: atom_id res chain seq x y z
N1 5IU A 9 4.06 4.74 2.19
C2 5IU A 9 3.76 3.44 1.85
N3 5IU A 9 3.08 2.75 2.81
C4 5IU A 9 2.67 3.22 4.03
C5 5IU A 9 2.98 4.59 4.28
C6 5IU A 9 3.65 5.28 3.38
O2 5IU A 9 4.05 2.94 0.80
O4 5IU A 9 2.10 2.50 4.80
I5 5IU A 9 2.38 5.38 5.94
C1' 5IU A 9 4.84 5.56 1.28
C2' 5IU A 9 4.13 6.83 0.83
C3' 5IU A 9 5.30 7.71 0.48
C4' 5IU A 9 6.33 7.34 1.55
O3' 5IU A 9 5.86 7.32 -0.78
O4' 5IU A 9 5.97 6.02 1.99
C5' 5IU A 9 6.32 8.26 2.74
O5' 5IU A 9 5.01 8.29 3.32
P 5IU A 9 4.74 9.04 4.69
OP1 5IU A 9 4.93 10.51 4.53
OP2 5IU A 9 3.46 8.53 5.23
N1 5IU A 10 1.36 3.19 -1.05
C2 5IU A 10 0.76 2.05 -0.61
N3 5IU A 10 0.04 2.19 0.52
C4 5IU A 10 -0.15 3.33 1.25
C5 5IU A 10 0.46 4.50 0.72
C6 5IU A 10 1.20 4.39 -0.39
O2 5IU A 10 0.87 0.99 -1.18
O4 5IU A 10 -0.79 3.29 2.28
I5 5IU A 10 0.18 6.20 1.63
C1' 5IU A 10 2.17 3.05 -2.24
C2' 5IU A 10 1.63 3.78 -3.44
C3' 5IU A 10 2.86 4.26 -4.19
C4' 5IU A 10 4.03 3.90 -3.28
O4' 5IU A 10 3.46 3.53 -2.02
C5' 5IU A 10 5.02 5.02 -2.99
O5' 5IU A 10 4.33 6.18 -2.39
P 5IU A 10 5.07 7.59 -2.13
OP1 5IU A 10 6.10 7.88 -3.16
OP2 5IU A 10 4.02 8.60 -1.85
N1 5IU A 18 -24.08 10.15 -3.65
C2 5IU A 18 -24.12 9.31 -4.73
N3 5IU A 18 -24.87 8.16 -4.53
C4 5IU A 18 -25.57 7.81 -3.39
C5 5IU A 18 -25.47 8.75 -2.29
C6 5IU A 18 -24.74 9.85 -2.47
O2 5IU A 18 -23.56 9.53 -5.78
O4 5IU A 18 -26.20 6.77 -3.38
I5 5IU A 18 -26.37 8.35 -0.61
C1' 5IU A 18 -23.31 11.39 -3.81
C2' 5IU A 18 -23.98 12.63 -3.26
C3' 5IU A 18 -22.79 13.54 -3.03
C4' 5IU A 18 -21.65 12.59 -2.69
O3' 5IU A 18 -22.47 14.18 -4.23
O4' 5IU A 18 -22.13 11.27 -3.05
C5' 5IU A 18 -21.30 12.67 -1.23
O5' 5IU A 18 -22.48 12.71 -0.48
P 5IU A 18 -22.40 12.70 1.10
OP1 5IU A 18 -21.86 14.00 1.59
OP2 5IU A 18 -23.73 12.23 1.60
N1 5IU A 19 -25.52 11.86 -7.61
C2 5IU A 19 -25.70 10.57 -8.06
N3 5IU A 19 -26.43 9.77 -7.23
C4 5IU A 19 -26.96 10.12 -6.00
C5 5IU A 19 -26.74 11.51 -5.58
C6 5IU A 19 -26.05 12.29 -6.41
O2 5IU A 19 -25.25 10.18 -9.11
O4 5IU A 19 -27.54 9.27 -5.35
I5 5IU A 19 -27.44 12.13 -3.86
C1' 5IU A 19 -24.72 12.75 -8.46
C2' 5IU A 19 -25.26 14.16 -8.61
C3' 5IU A 19 -24.00 14.92 -8.94
C4' 5IU A 19 -22.89 14.18 -8.19
O3' 5IU A 19 -23.72 14.87 -10.33
O4' 5IU A 19 -23.47 12.92 -7.82
C5' 5IU A 19 -22.38 14.90 -6.97
O5' 5IU A 19 -23.46 15.33 -6.17
P 5IU A 19 -23.25 15.51 -4.61
OP1 5IU A 19 -22.31 16.64 -4.36
OP2 5IU A 19 -24.57 15.45 -3.91
N1 5IU A 20 -28.73 11.49 -10.35
C2 5IU A 20 -29.33 10.38 -9.76
N3 5IU A 20 -29.79 10.59 -8.48
C4 5IU A 20 -29.70 11.75 -7.75
C5 5IU A 20 -29.08 12.87 -8.42
C6 5IU A 20 -28.63 12.69 -9.68
O2 5IU A 20 -29.46 9.31 -10.31
O4 5IU A 20 -30.14 11.79 -6.60
I5 5IU A 20 -28.94 14.56 -7.46
C1' 5IU A 20 -28.18 11.32 -11.73
C2' 5IU A 20 -28.20 12.57 -12.59
C3' 5IU A 20 -26.92 12.46 -13.42
C4' 5IU A 20 -25.97 11.69 -12.51
O3' 5IU A 20 -27.09 11.75 -14.64
O4' 5IU A 20 -26.81 10.97 -11.59
C5' 5IU A 20 -25.00 12.56 -11.77
O5' 5IU A 20 -25.65 13.75 -11.31
P 5IU A 20 -24.89 15.14 -11.35
OP1 5IU A 20 -24.32 15.36 -12.71
OP2 5IU A 20 -25.73 16.19 -10.72
N1 5IU A 21 -32.07 9.95 -12.61
C2 5IU A 21 -32.65 9.35 -11.52
N3 5IU A 21 -32.73 10.17 -10.39
C4 5IU A 21 -32.34 11.49 -10.31
C5 5IU A 21 -31.86 12.08 -11.52
C6 5IU A 21 -31.72 11.28 -12.59
O2 5IU A 21 -33.09 8.23 -11.55
O4 5IU A 21 -32.40 12.07 -9.23
I5 5IU A 21 -31.49 14.01 -11.57
C1' 5IU A 21 -31.78 9.10 -13.77
C2' 5IU A 21 -32.27 9.65 -15.09
C3' 5IU A 21 -31.32 9.00 -16.09
C4' 5IU A 21 -30.03 8.84 -15.30
O3' 5IU A 21 -31.80 7.72 -16.40
O4' 5IU A 21 -30.37 9.01 -13.90
C5' 5IU A 21 -28.89 9.74 -15.72
O5' 5IU A 21 -29.28 11.11 -15.69
P 5IU A 21 -28.16 12.24 -15.73
OP1 5IU A 21 -27.49 12.15 -17.07
OP2 5IU A 21 -28.76 13.53 -15.28
N1 5IU B 7 -17.46 7.99 -6.99
C2 5IU B 7 -18.01 7.65 -5.77
N3 5IU B 7 -18.29 6.33 -5.61
C4 5IU B 7 -18.07 5.32 -6.51
C5 5IU B 7 -17.47 5.72 -7.74
C6 5IU B 7 -17.22 7.02 -7.93
O2 5IU B 7 -18.23 8.44 -4.88
O4 5IU B 7 -18.38 4.18 -6.23
I5 5IU B 7 -17.03 4.34 -9.03
C1' 5IU B 7 -17.15 9.40 -7.29
C2' 5IU B 7 -15.84 9.63 -8.02
C3' 5IU B 7 -16.09 10.94 -8.75
C4' 5IU B 7 -17.59 10.95 -8.99
O3' 5IU B 7 -15.74 12.09 -7.97
O4' 5IU B 7 -18.15 9.91 -8.16
C5' 5IU B 7 -17.93 10.69 -10.42
O5' 5IU B 7 -17.19 9.57 -10.91
P 5IU B 7 -17.03 9.36 -12.47
OP1 5IU B 7 -16.70 10.70 -13.07
OP2 5IU B 7 -16.13 8.20 -12.69
N1 5IU B 8 -15.23 8.35 -3.43
C2 5IU B 8 -15.59 7.27 -2.64
N3 5IU B 8 -15.49 6.06 -3.23
C4 5IU B 8 -15.06 5.81 -4.50
C5 5IU B 8 -14.67 6.97 -5.26
C6 5IU B 8 -14.79 8.17 -4.69
O2 5IU B 8 -15.93 7.37 -1.48
O4 5IU B 8 -15.02 4.64 -4.90
I5 5IU B 8 -13.99 6.73 -7.05
C1' 5IU B 8 -15.36 9.71 -2.92
C2' 5IU B 8 -14.04 10.44 -2.83
C3' 5IU B 8 -14.51 11.87 -2.83
C4' 5IU B 8 -15.77 11.84 -3.69
O3' 5IU B 8 -14.85 12.29 -1.51
O4' 5IU B 8 -16.11 10.45 -3.86
C5' 5IU B 8 -15.59 12.45 -5.06
O5' 5IU B 8 -14.58 11.75 -5.79
P 5IU B 8 -14.28 12.19 -7.30
OP1 5IU B 8 -13.98 13.65 -7.29
OP2 5IU B 8 -13.36 11.23 -8.01
N1 5IU B 9 -13.62 6.77 0.78
C2 5IU B 9 -14.16 5.49 0.74
N3 5IU B 9 -13.84 4.78 -0.37
C4 5IU B 9 -13.07 5.21 -1.42
C5 5IU B 9 -12.57 6.52 -1.31
C6 5IU B 9 -12.85 7.24 -0.23
O2 5IU B 9 -14.87 5.01 1.61
O4 5IU B 9 -12.85 4.49 -2.37
I5 5IU B 9 -11.53 7.19 -2.78
C1' 5IU B 9 -13.89 7.65 1.92
C2' 5IU B 9 -12.76 8.58 2.30
C3' 5IU B 9 -13.52 9.66 3.07
C4' 5IU B 9 -14.87 9.72 2.34
O3' 5IU B 9 -13.76 9.24 4.41
O4' 5IU B 9 -14.94 8.51 1.55
C5' 5IU B 9 -15.09 10.89 1.42
O5' 5IU B 9 -14.10 10.88 0.39
P 5IU B 9 -13.73 12.23 -0.36
OP1 5IU B 9 -14.04 13.34 0.56
OP2 5IU B 9 -12.36 12.05 -0.90
N1 5IU B 10 -11.68 3.98 3.31
C2 5IU B 10 -11.63 2.93 2.43
N3 5IU B 10 -11.01 3.20 1.25
C4 5IU B 10 -10.43 4.38 0.88
C5 5IU B 10 -10.49 5.42 1.85
C6 5IU B 10 -11.11 5.19 3.00
O2 5IU B 10 -12.08 1.83 2.69
O4 5IU B 10 -9.92 4.48 -0.21
I5 5IU B 10 -9.65 7.11 1.46
C1' 5IU B 10 -12.40 3.85 4.58
C2' 5IU B 10 -11.63 4.36 5.78
C3' 5IU B 10 -12.75 4.75 6.73
C4' 5IU B 10 -13.86 5.23 5.81
O3' 5IU B 10 -13.21 3.62 7.46
O4' 5IU B 10 -13.56 4.67 4.51
C5' 5IU B 10 -13.97 6.73 5.74
O5' 5IU B 10 -12.68 7.30 5.55
P 5IU B 10 -12.53 8.86 5.37
OP1 5IU B 10 -12.85 9.52 6.66
OP2 5IU B 10 -11.24 9.14 4.70
N ILE C 41 13.53 15.67 14.48
CA ILE C 41 12.28 15.91 15.28
C ILE C 41 11.05 16.14 14.37
N LYS C 42 9.88 15.69 14.86
CA LYS C 42 8.63 15.79 14.11
C LYS C 42 7.58 16.75 14.69
N TRP C 43 7.69 17.04 15.99
CA TRP C 43 6.75 17.94 16.63
C TRP C 43 7.26 18.32 18.00
N LYS C 44 6.53 19.22 18.63
CA LYS C 44 6.85 19.68 19.96
C LYS C 44 5.75 19.26 20.92
N PHE C 45 4.51 19.50 20.53
CA PHE C 45 3.38 19.12 21.35
C PHE C 45 2.54 18.13 20.57
N LEU C 46 2.05 17.10 21.25
CA LEU C 46 1.20 16.10 20.61
C LEU C 46 0.22 15.53 21.61
N GLU C 47 -1.02 15.95 21.49
CA GLU C 47 -2.04 15.46 22.38
C GLU C 47 -3.18 14.92 21.54
N HIS C 48 -3.56 13.67 21.79
CA HIS C 48 -4.65 13.03 21.09
C HIS C 48 -5.44 12.16 22.03
N LYS C 49 -6.55 11.64 21.55
CA LYS C 49 -7.43 10.81 22.37
C LYS C 49 -7.22 9.30 22.35
N GLY C 50 -6.25 8.76 21.62
CA GLY C 50 -6.16 7.30 21.60
C GLY C 50 -7.09 6.63 20.57
N PRO C 51 -6.92 5.32 20.32
CA PRO C 51 -7.75 4.64 19.34
C PRO C 51 -9.16 4.33 19.72
N VAL C 52 -9.94 3.92 18.73
CA VAL C 52 -11.30 3.50 18.91
C VAL C 52 -11.19 1.99 18.72
N PHE C 53 -11.44 1.25 19.77
CA PHE C 53 -11.36 -0.16 19.67
C PHE C 53 -12.55 -0.74 18.98
N ALA C 54 -12.33 -1.88 18.35
CA ALA C 54 -13.36 -2.61 17.63
C ALA C 54 -14.58 -2.93 18.51
N PRO C 55 -15.80 -2.87 17.92
CA PRO C 55 -17.04 -3.16 18.65
C PRO C 55 -16.98 -4.57 19.13
N PRO C 56 -17.54 -4.85 20.29
CA PRO C 56 -17.53 -6.22 20.83
C PRO C 56 -18.42 -7.15 20.03
N TYR C 57 -18.02 -8.40 19.95
CA TYR C 57 -18.73 -9.41 19.19
C TYR C 57 -20.16 -9.58 19.69
N GLU C 58 -21.08 -9.64 18.74
CA GLU C 58 -22.49 -9.84 19.01
C GLU C 58 -22.83 -11.27 18.70
N PRO C 59 -23.15 -12.04 19.72
CA PRO C 59 -23.48 -13.44 19.49
C PRO C 59 -24.65 -13.60 18.55
N LEU C 60 -24.59 -14.63 17.73
CA LEU C 60 -25.64 -14.95 16.78
C LEU C 60 -26.99 -15.16 17.48
N PRO C 61 -28.09 -14.92 16.75
CA PRO C 61 -29.43 -15.09 17.30
C PRO C 61 -29.66 -16.59 17.42
N GLU C 62 -30.55 -17.00 18.30
CA GLU C 62 -30.84 -18.41 18.50
C GLU C 62 -31.26 -19.10 17.23
N ASN C 63 -32.20 -18.48 16.54
CA ASN C 63 -32.72 -19.03 15.32
C ASN C 63 -31.62 -19.30 14.29
N VAL C 64 -30.57 -18.50 14.32
CA VAL C 64 -29.49 -18.69 13.36
C VAL C 64 -28.62 -19.86 13.82
N LYS C 65 -28.58 -20.91 13.01
CA LYS C 65 -27.83 -22.10 13.37
C LYS C 65 -26.76 -22.61 12.42
N PHE C 66 -25.85 -23.40 12.97
CA PHE C 66 -24.71 -24.01 12.28
C PHE C 66 -24.81 -25.53 12.28
N TYR C 67 -24.57 -26.13 11.11
CA TYR C 67 -24.66 -27.57 11.02
C TYR C 67 -23.38 -28.26 10.72
N TYR C 68 -23.17 -29.37 11.41
CA TYR C 68 -22.01 -30.18 11.14
C TYR C 68 -22.51 -31.59 10.84
N ASP C 69 -22.08 -32.10 9.70
CA ASP C 69 -22.45 -33.42 9.27
C ASP C 69 -23.96 -33.58 9.41
N GLY C 70 -24.68 -32.57 8.93
CA GLY C 70 -26.13 -32.59 9.00
C GLY C 70 -26.67 -32.21 10.35
N LYS C 71 -25.95 -32.51 11.41
CA LYS C 71 -26.40 -32.16 12.74
C LYS C 71 -26.33 -30.66 13.04
N VAL C 72 -27.17 -30.21 13.98
CA VAL C 72 -27.15 -28.82 14.41
C VAL C 72 -26.01 -28.78 15.43
N MET C 73 -25.51 -27.59 15.76
CA MET C 73 -24.44 -27.47 16.74
C MET C 73 -24.21 -26.06 17.22
N LYS C 74 -24.46 -25.82 18.50
CA LYS C 74 -24.24 -24.48 18.99
C LYS C 74 -22.79 -24.29 19.31
N LEU C 75 -22.15 -23.38 18.59
CA LEU C 75 -20.74 -23.09 18.76
C LEU C 75 -20.37 -22.23 19.96
N SER C 76 -19.24 -22.56 20.57
CA SER C 76 -18.71 -21.78 21.66
C SER C 76 -18.60 -20.35 21.11
N PRO C 77 -18.81 -19.35 21.96
CA PRO C 77 -18.74 -17.96 21.53
C PRO C 77 -17.53 -17.64 20.70
N LYS C 78 -16.35 -18.11 21.12
CA LYS C 78 -15.16 -17.81 20.36
C LYS C 78 -15.18 -18.55 19.03
N ALA C 79 -15.50 -19.83 19.07
CA ALA C 79 -15.55 -20.61 17.85
C ALA C 79 -16.62 -20.06 16.95
N GLU C 80 -17.66 -19.50 17.55
CA GLU C 80 -18.77 -18.94 16.80
C GLU C 80 -18.31 -17.70 16.07
N GLU C 81 -17.65 -16.82 16.79
CA GLU C 81 -17.17 -15.58 16.22
C GLU C 81 -16.27 -15.85 15.00
N VAL C 82 -15.33 -16.77 15.16
CA VAL C 82 -14.43 -17.11 14.08
C VAL C 82 -15.22 -17.64 12.88
N ALA C 83 -16.21 -18.47 13.13
CA ALA C 83 -17.00 -19.02 12.05
C ALA C 83 -17.78 -17.95 11.29
N THR C 84 -18.23 -16.93 12.00
CA THR C 84 -18.99 -15.91 11.32
C THR C 84 -18.10 -15.25 10.27
N PHE C 85 -16.83 -15.12 10.64
CA PHE C 85 -15.86 -14.51 9.74
C PHE C 85 -15.88 -15.25 8.42
N PHE C 86 -15.76 -16.57 8.51
CA PHE C 86 -15.78 -17.40 7.32
C PHE C 86 -17.14 -17.29 6.62
N ALA C 87 -18.20 -17.32 7.41
CA ALA C 87 -19.55 -17.26 6.88
C ALA C 87 -19.77 -16.01 6.06
N LYS C 88 -19.34 -14.87 6.58
CA LYS C 88 -19.55 -13.64 5.85
C LYS C 88 -18.76 -13.58 4.55
N MET C 89 -17.85 -14.53 4.34
CA MET C 89 -17.04 -14.49 3.13
C MET C 89 -17.30 -15.59 2.09
N LEU C 90 -18.36 -16.36 2.33
CA LEU C 90 -18.75 -17.46 1.44
C LEU C 90 -19.18 -16.97 0.08
N ASP C 91 -19.48 -15.69 0.01
CA ASP C 91 -19.90 -15.09 -1.24
C ASP C 91 -18.64 -14.58 -1.93
N HIS C 92 -17.48 -14.82 -1.31
CA HIS C 92 -16.22 -14.32 -1.86
C HIS C 92 -15.26 -15.42 -2.31
N GLU C 93 -14.51 -15.13 -3.35
CA GLU C 93 -13.53 -16.09 -3.90
C GLU C 93 -12.53 -16.59 -2.87
N TYR C 94 -12.25 -15.75 -1.86
CA TYR C 94 -11.29 -16.15 -0.86
C TYR C 94 -11.63 -17.54 -0.36
N THR C 95 -12.92 -17.79 -0.17
CA THR C 95 -13.39 -19.07 0.35
C THR C 95 -13.22 -20.27 -0.57
N THR C 96 -12.82 -20.02 -1.81
CA THR C 96 -12.63 -21.11 -2.75
C THR C 96 -11.15 -21.49 -2.87
N LYS C 97 -10.30 -20.73 -2.18
CA LYS C 97 -8.88 -21.00 -2.22
C LYS C 97 -8.55 -22.02 -1.14
N GLU C 98 -7.76 -23.01 -1.51
CA GLU C 98 -7.36 -24.05 -0.56
C GLU C 98 -6.46 -23.54 0.56
N ILE C 99 -5.58 -22.60 0.24
CA ILE C 99 -4.70 -22.01 1.24
C ILE C 99 -5.59 -21.35 2.30
N PHE C 100 -6.55 -20.56 1.84
CA PHE C 100 -7.46 -19.87 2.72
C PHE C 100 -8.24 -20.86 3.62
N ARG C 101 -8.95 -21.78 2.99
CA ARG C 101 -9.76 -22.77 3.70
C ARG C 101 -8.95 -23.48 4.79
N LYS C 102 -7.75 -23.91 4.43
CA LYS C 102 -6.89 -24.58 5.39
C LYS C 102 -6.42 -23.68 6.53
N ASN C 103 -5.88 -22.51 6.18
CA ASN C 103 -5.40 -21.60 7.19
C ASN C 103 -6.53 -21.26 8.14
N PHE C 104 -7.72 -21.02 7.59
CA PHE C 104 -8.88 -20.71 8.41
C PHE C 104 -9.24 -21.92 9.28
N PHE C 105 -9.34 -23.08 8.66
CA PHE C 105 -9.73 -24.25 9.39
C PHE C 105 -8.84 -24.50 10.61
N LYS C 106 -7.53 -24.51 10.38
CA LYS C 106 -6.60 -24.74 11.47
C LYS C 106 -6.74 -23.69 12.58
N ASP C 107 -6.76 -22.43 12.21
CA ASP C 107 -6.84 -21.37 13.21
C ASP C 107 -8.16 -21.42 13.95
N TRP C 108 -9.23 -21.76 13.24
CA TRP C 108 -10.56 -21.84 13.85
C TRP C 108 -10.49 -22.89 14.96
N ARG C 109 -9.89 -24.03 14.66
CA ARG C 109 -9.76 -25.09 15.63
C ARG C 109 -9.02 -24.71 16.90
N LYS C 110 -7.99 -23.88 16.80
CA LYS C 110 -7.26 -23.48 17.99
C LYS C 110 -8.15 -22.71 18.95
N GLU C 111 -9.30 -22.25 18.46
CA GLU C 111 -10.20 -21.48 19.29
C GLU C 111 -11.37 -22.30 19.76
N MET C 112 -11.52 -23.51 19.23
CA MET C 112 -12.63 -24.35 19.64
C MET C 112 -12.43 -25.00 21.02
N THR C 113 -13.52 -25.48 21.60
CA THR C 113 -13.43 -26.17 22.87
C THR C 113 -12.88 -27.55 22.50
N ASN C 114 -12.51 -28.34 23.49
CA ASN C 114 -11.94 -29.67 23.22
C ASN C 114 -12.85 -30.62 22.48
N GLU C 115 -14.14 -30.47 22.74
CA GLU C 115 -15.15 -31.31 22.12
C GLU C 115 -15.40 -30.93 20.66
N GLU C 116 -15.32 -29.63 20.38
CA GLU C 116 -15.53 -29.11 19.03
C GLU C 116 -14.46 -29.64 18.09
N LYS C 117 -13.25 -29.76 18.66
CA LYS C 117 -12.08 -30.26 17.93
C LYS C 117 -12.35 -31.71 17.57
N ASN C 118 -12.91 -32.44 18.53
CA ASN C 118 -13.20 -33.84 18.33
C ASN C 118 -14.23 -34.06 17.26
N ILE C 119 -15.19 -33.16 17.21
CA ILE C 119 -16.24 -33.29 16.23
C ILE C 119 -15.93 -32.69 14.88
N ILE C 120 -15.76 -31.38 14.84
CA ILE C 120 -15.48 -30.68 13.60
C ILE C 120 -14.05 -30.96 13.11
N THR C 121 -13.91 -31.91 12.20
CA THR C 121 -12.61 -32.25 11.68
C THR C 121 -12.56 -32.13 10.18
N ASN C 122 -13.68 -31.79 9.57
CA ASN C 122 -13.74 -31.65 8.12
C ASN C 122 -14.46 -30.38 7.73
N LEU C 123 -13.73 -29.45 7.14
CA LEU C 123 -14.33 -28.21 6.73
C LEU C 123 -15.51 -28.49 5.80
N SER C 124 -15.30 -29.47 4.93
CA SER C 124 -16.30 -29.85 3.92
C SER C 124 -17.58 -30.32 4.55
N LYS C 125 -17.55 -30.52 5.85
CA LYS C 125 -18.75 -30.96 6.51
C LYS C 125 -19.44 -29.84 7.26
N CYS C 126 -18.80 -28.68 7.31
CA CYS C 126 -19.39 -27.57 8.03
C CYS C 126 -20.37 -26.85 7.18
N ASP C 127 -21.46 -26.44 7.78
CA ASP C 127 -22.46 -25.72 7.01
C ASP C 127 -22.63 -24.33 7.58
N PHE C 128 -22.10 -23.34 6.87
CA PHE C 128 -22.17 -21.94 7.28
C PHE C 128 -23.27 -21.20 6.52
N THR C 129 -24.05 -21.95 5.76
CA THR C 129 -25.09 -21.32 4.99
C THR C 129 -26.07 -20.47 5.79
N GLN C 130 -26.61 -21.02 6.86
CA GLN C 130 -27.55 -20.24 7.65
C GLN C 130 -26.93 -18.98 8.22
N MET C 131 -25.69 -19.07 8.66
CA MET C 131 -25.00 -17.91 9.19
C MET C 131 -24.91 -16.87 8.08
N SER C 132 -24.57 -17.39 6.93
CA SER C 132 -24.38 -16.62 5.74
C SER C 132 -25.66 -15.92 5.38
N GLN C 133 -26.78 -16.66 5.42
CA GLN C 133 -28.06 -16.07 5.06
C GLN C 133 -28.32 -14.86 5.94
N TYR C 134 -28.08 -15.04 7.24
CA TYR C 134 -28.30 -14.01 8.23
C TYR C 134 -27.60 -12.72 7.97
N PHE C 135 -26.28 -12.77 7.89
CA PHE C 135 -25.52 -11.56 7.62
C PHE C 135 -25.96 -10.87 6.31
N LYS C 136 -26.22 -11.66 5.27
CA LYS C 136 -26.66 -11.08 4.01
C LYS C 136 -27.95 -10.32 4.31
N ALA C 137 -28.80 -10.97 5.09
CA ALA C 137 -30.06 -10.36 5.46
C ALA C 137 -29.76 -9.02 6.16
N GLN C 138 -28.90 -9.07 7.17
CA GLN C 138 -28.57 -7.86 7.92
C GLN C 138 -28.12 -6.74 7.01
N THR C 139 -27.34 -7.10 6.00
CA THR C 139 -26.84 -6.12 5.07
C THR C 139 -28.00 -5.51 4.29
N GLU C 140 -28.95 -6.35 3.89
CA GLU C 140 -30.10 -5.87 3.14
C GLU C 140 -30.83 -4.86 3.99
N ALA C 141 -30.98 -5.19 5.26
CA ALA C 141 -31.68 -4.36 6.23
C ALA C 141 -31.09 -2.95 6.24
N ARG C 142 -29.78 -2.89 6.39
CA ARG C 142 -29.12 -1.60 6.43
C ARG C 142 -29.38 -0.85 5.14
N LYS C 143 -29.59 -1.58 4.05
CA LYS C 143 -29.85 -0.95 2.77
C LYS C 143 -31.27 -0.40 2.78
N GLN C 144 -32.19 -1.24 3.25
CA GLN C 144 -33.59 -0.88 3.31
C GLN C 144 -33.91 -0.18 4.63
N MET C 145 -33.31 0.99 4.81
CA MET C 145 -33.51 1.75 6.03
C MET C 145 -34.12 3.15 5.80
N SER C 146 -34.84 3.60 6.84
CA SER C 146 -35.49 4.89 6.85
C SER C 146 -34.45 5.98 6.95
N LYS C 147 -34.76 7.12 6.35
CA LYS C 147 -33.93 8.27 6.34
C LYS C 147 -33.72 8.64 7.80
N GLU C 148 -34.74 8.39 8.62
CA GLU C 148 -34.66 8.65 10.06
C GLU C 148 -33.57 7.74 10.62
N GLU C 149 -33.57 6.48 10.17
CA GLU C 149 -32.58 5.53 10.61
C GLU C 149 -31.20 6.00 10.13
N LYS C 150 -31.07 6.17 8.82
CA LYS C 150 -29.82 6.60 8.23
C LYS C 150 -29.16 7.82 8.88
N LEU C 151 -29.96 8.86 9.13
CA LEU C 151 -29.44 10.09 9.74
C LEU C 151 -28.89 9.94 11.16
N LYS C 152 -29.56 9.14 11.98
CA LYS C 152 -29.14 8.95 13.34
C LYS C 152 -27.69 8.49 13.39
N ILE C 153 -27.47 7.33 12.79
CA ILE C 153 -26.16 6.73 12.72
C ILE C 153 -25.17 7.66 12.05
N LYS C 154 -25.61 8.36 11.02
CA LYS C 154 -24.74 9.29 10.33
C LYS C 154 -24.27 10.35 11.33
N GLU C 155 -25.15 10.77 12.21
CA GLU C 155 -24.75 11.75 13.20
C GLU C 155 -23.90 11.03 14.27
N GLU C 156 -24.24 9.76 14.52
CA GLU C 156 -23.50 8.95 15.49
C GLU C 156 -22.05 8.85 15.07
N ASN C 157 -21.87 8.72 13.76
CA ASN C 157 -20.57 8.58 13.17
C ASN C 157 -19.85 9.90 13.24
N GLU C 158 -20.59 10.99 13.12
CA GLU C 158 -19.93 12.26 13.16
C GLU C 158 -19.42 12.60 14.53
N LYS C 159 -20.03 12.00 15.55
CA LYS C 159 -19.62 12.27 16.92
C LYS C 159 -18.34 11.54 17.27
N LEU C 160 -18.10 10.42 16.61
CA LEU C 160 -16.90 9.67 16.90
C LEU C 160 -15.73 10.37 16.24
N LEU C 161 -15.93 10.74 14.99
CA LEU C 161 -14.90 11.39 14.23
C LEU C 161 -14.54 12.76 14.76
N LYS C 162 -15.53 13.50 15.26
CA LYS C 162 -15.24 14.82 15.80
C LYS C 162 -14.44 14.68 17.07
N GLU C 163 -14.68 13.61 17.81
CA GLU C 163 -13.98 13.39 19.04
C GLU C 163 -12.66 12.65 18.89
N TYR C 164 -12.66 11.53 18.18
CA TYR C 164 -11.44 10.73 18.01
C TYR C 164 -10.71 10.88 16.70
N GLY C 165 -11.26 11.66 15.77
CA GLY C 165 -10.63 11.84 14.47
C GLY C 165 -9.65 12.99 14.32
N PHE C 166 -9.39 13.68 15.43
CA PHE C 166 -8.47 14.81 15.46
C PHE C 166 -7.56 14.79 16.68
N CYS C 167 -6.46 15.48 16.55
CA CYS C 167 -5.54 15.53 17.64
C CYS C 167 -4.92 16.91 17.57
N ILE C 168 -4.12 17.25 18.57
CA ILE C 168 -3.46 18.51 18.59
C ILE C 168 -2.01 18.24 18.52
N MET C 169 -1.40 18.66 17.43
CA MET C 169 0.04 18.52 17.28
C MET C 169 0.50 19.95 17.24
N ASP C 170 1.43 20.31 18.12
CA ASP C 170 1.92 21.67 18.20
C ASP C 170 0.75 22.66 18.40
N ASN C 171 0.65 23.66 17.53
CA ASN C 171 -0.38 24.68 17.62
C ASN C 171 -1.77 24.34 17.06
N HIS C 172 -1.83 23.46 16.08
CA HIS C 172 -3.12 23.14 15.47
C HIS C 172 -3.75 21.77 15.73
N LYS C 173 -5.05 21.68 15.46
CA LYS C 173 -5.76 20.41 15.60
C LYS C 173 -5.45 19.74 14.27
N GLU C 174 -5.34 18.43 14.30
CA GLU C 174 -5.04 17.72 13.09
C GLU C 174 -5.99 16.58 12.96
N ARG C 175 -6.23 16.18 11.72
CA ARG C 175 -7.09 15.08 11.39
C ARG C 175 -6.28 13.78 11.38
N ILE C 176 -6.88 12.73 11.90
CA ILE C 176 -6.25 11.43 11.98
C ILE C 176 -6.78 10.57 10.84
N ALA C 177 -5.88 9.84 10.19
CA ALA C 177 -6.23 8.99 9.06
C ALA C 177 -7.11 7.79 9.44
N ASN C 178 -6.61 6.96 10.35
CA ASN C 178 -7.30 5.77 10.79
C ASN C 178 -7.27 5.74 12.30
N PHE C 179 -8.35 6.16 12.93
CA PHE C 179 -8.38 6.16 14.38
C PHE C 179 -8.96 4.87 15.01
N LYS C 180 -9.51 3.98 14.20
CA LYS C 180 -10.08 2.73 14.72
C LYS C 180 -9.10 1.56 14.55
N ILE C 181 -9.02 0.70 15.56
CA ILE C 181 -8.13 -0.45 15.50
C ILE C 181 -8.71 -1.49 14.49
N GLU C 182 -7.86 -2.12 13.69
CA GLU C 182 -8.34 -3.13 12.73
C GLU C 182 -9.05 -4.24 13.47
N PRO C 183 -10.30 -4.50 13.13
CA PRO C 183 -11.12 -5.54 13.73
C PRO C 183 -10.58 -6.93 13.48
N PRO C 184 -10.95 -7.87 14.36
CA PRO C 184 -10.48 -9.24 14.17
C PRO C 184 -11.10 -9.74 12.88
N GLY C 185 -10.51 -10.74 12.25
CA GLY C 185 -11.07 -11.22 11.00
C GLY C 185 -10.07 -12.16 10.35
N LEU C 186 -10.34 -12.57 9.11
CA LEU C 186 -9.47 -13.50 8.38
C LEU C 186 -8.51 -12.76 7.47
N PHE C 187 -7.25 -13.16 7.46
CA PHE C 187 -6.27 -12.43 6.67
C PHE C 187 -6.46 -12.48 5.17
N ARG C 188 -6.61 -11.32 4.55
CA ARG C 188 -6.80 -11.25 3.12
C ARG C 188 -5.49 -10.93 2.41
N GLY C 189 -4.62 -11.94 2.35
CA GLY C 189 -3.35 -11.77 1.68
C GLY C 189 -3.59 -11.83 0.20
N ARG C 190 -2.84 -11.01 -0.54
CA ARG C 190 -2.96 -10.95 -2.00
C ARG C 190 -2.09 -11.99 -2.69
N GLY C 191 -2.48 -12.38 -3.90
CA GLY C 191 -1.74 -13.39 -4.65
C GLY C 191 -1.83 -14.77 -3.99
N ASN C 192 -0.75 -15.52 -3.97
CA ASN C 192 -0.74 -16.82 -3.32
C ASN C 192 -0.19 -16.60 -1.93
N HIS C 193 -0.74 -15.66 -1.19
CA HIS C 193 -0.16 -15.45 0.13
C HIS C 193 -0.36 -16.68 0.98
N PRO C 194 0.74 -17.24 1.48
CA PRO C 194 0.64 -18.43 2.31
C PRO C 194 -0.08 -18.24 3.66
N LYS C 195 -0.47 -17.01 3.97
CA LYS C 195 -1.12 -16.82 5.24
C LYS C 195 -2.55 -16.39 5.14
N MET C 196 -3.03 -16.23 3.92
CA MET C 196 -4.42 -15.81 3.75
C MET C 196 -5.30 -16.80 4.52
N GLY C 197 -6.39 -16.30 5.12
CA GLY C 197 -7.26 -17.16 5.88
C GLY C 197 -6.89 -17.28 7.35
N MET C 198 -5.68 -16.89 7.70
CA MET C 198 -5.25 -16.93 9.08
C MET C 198 -6.04 -15.93 9.89
N LEU C 199 -6.20 -16.22 11.16
CA LEU C 199 -6.95 -15.38 12.05
C LEU C 199 -6.18 -14.24 12.64
N LYS C 200 -6.67 -13.05 12.37
CA LYS C 200 -6.13 -11.82 12.88
C LYS C 200 -6.88 -11.66 14.22
N ARG C 201 -6.15 -11.48 15.31
CA ARG C 201 -6.78 -11.37 16.60
C ARG C 201 -7.28 -9.97 16.92
N ARG C 202 -8.07 -9.91 17.99
CA ARG C 202 -8.66 -8.69 18.51
C ARG C 202 -7.64 -8.00 19.42
N ILE C 203 -7.28 -6.79 19.01
CA ILE C 203 -6.29 -5.97 19.70
C ILE C 203 -6.83 -5.31 20.96
N MET C 204 -6.18 -5.59 22.08
CA MET C 204 -6.64 -5.03 23.35
C MET C 204 -5.86 -3.79 23.73
N PRO C 205 -6.39 -2.98 24.64
CA PRO C 205 -5.68 -1.77 25.08
C PRO C 205 -4.33 -2.17 25.56
N GLU C 206 -4.28 -3.35 26.13
CA GLU C 206 -3.04 -3.87 26.67
C GLU C 206 -1.98 -4.10 25.59
N ASP C 207 -2.39 -4.13 24.31
CA ASP C 207 -1.44 -4.32 23.20
C ASP C 207 -1.09 -2.98 22.57
N ILE C 208 -1.74 -1.91 23.04
CA ILE C 208 -1.58 -0.58 22.46
C ILE C 208 -0.51 0.33 23.07
N ILE C 209 0.36 0.86 22.22
CA ILE C 209 1.39 1.77 22.68
C ILE C 209 0.94 3.15 22.24
N ILE C 210 0.81 4.06 23.21
CA ILE C 210 0.40 5.43 22.96
C ILE C 210 1.62 6.35 22.86
N ASN C 211 1.56 7.30 21.94
CA ASN C 211 2.66 8.24 21.80
C ASN C 211 2.06 9.63 21.80
N CYS C 212 2.67 10.49 22.59
CA CYS C 212 2.27 11.87 22.70
C CYS C 212 3.38 12.63 23.40
N SER C 213 3.29 13.95 23.44
CA SER C 213 4.29 14.76 24.11
C SER C 213 4.25 14.51 25.63
N LYS C 214 5.37 14.78 26.30
CA LYS C 214 5.53 14.61 27.74
C LYS C 214 4.53 15.41 28.56
N ASP C 215 4.26 16.63 28.11
CA ASP C 215 3.34 17.53 28.78
C ASP C 215 1.87 17.36 28.39
N ALA C 216 1.58 16.36 27.59
CA ALA C 216 0.21 16.15 27.14
C ALA C 216 -0.69 15.30 28.05
N LYS C 217 -1.98 15.59 28.07
CA LYS C 217 -2.90 14.77 28.85
C LYS C 217 -2.93 13.41 28.19
N VAL C 218 -2.50 12.37 28.90
CA VAL C 218 -2.51 11.03 28.34
C VAL C 218 -3.90 10.49 28.17
N PRO C 219 -4.24 9.97 26.99
CA PRO C 219 -5.57 9.43 26.82
C PRO C 219 -5.71 8.25 27.77
N SER C 220 -6.83 8.19 28.46
CA SER C 220 -7.06 7.12 29.38
C SER C 220 -7.67 5.93 28.64
N PRO C 221 -7.16 4.73 28.88
CA PRO C 221 -7.68 3.51 28.23
C PRO C 221 -9.10 3.17 28.69
N PRO C 222 -9.77 2.19 28.05
CA PRO C 222 -11.12 1.82 28.45
C PRO C 222 -11.07 1.43 29.91
N PRO C 223 -12.16 1.67 30.65
CA PRO C 223 -12.26 1.35 32.08
C PRO C 223 -11.97 -0.11 32.34
N GLY C 224 -11.09 -0.37 33.29
CA GLY C 224 -10.71 -1.74 33.60
C GLY C 224 -9.53 -2.23 32.77
N HIS C 225 -8.88 -1.31 32.07
CA HIS C 225 -7.74 -1.63 31.22
C HIS C 225 -6.52 -0.80 31.43
N LYS C 226 -5.52 -1.07 30.60
CA LYS C 226 -4.25 -0.35 30.62
C LYS C 226 -3.66 -0.43 29.21
N TRP C 227 -2.91 0.59 28.83
CA TRP C 227 -2.24 0.62 27.55
C TRP C 227 -1.03 -0.29 27.74
N LYS C 228 -0.40 -0.69 26.65
CA LYS C 228 0.79 -1.53 26.74
C LYS C 228 1.93 -0.67 27.28
N GLU C 229 1.99 0.55 26.80
CA GLU C 229 3.03 1.47 27.22
C GLU C 229 2.65 2.85 26.71
N VAL C 230 3.32 3.86 27.23
CA VAL C 230 3.09 5.23 26.80
C VAL C 230 4.44 5.81 26.57
N ARG C 231 4.64 6.41 25.41
CA ARG C 231 5.93 6.99 25.20
C ARG C 231 5.79 8.39 24.65
N HIS C 232 6.87 9.15 24.75
CA HIS C 232 6.90 10.51 24.27
C HIS C 232 8.15 10.64 23.39
N ASP C 233 8.07 10.14 22.16
CA ASP C 233 9.18 10.17 21.22
C ASP C 233 8.89 11.15 20.13
N ASN C 234 9.43 12.34 20.24
CA ASN C 234 9.15 13.37 19.25
C ASN C 234 9.92 13.23 17.95
N LYS C 235 10.47 12.04 17.75
CA LYS C 235 11.24 11.73 16.57
C LYS C 235 10.36 10.94 15.59
N VAL C 236 9.26 10.37 16.05
CA VAL C 236 8.38 9.61 15.18
C VAL C 236 7.12 10.39 14.96
N THR C 237 6.33 9.99 13.96
CA THR C 237 5.12 10.74 13.65
C THR C 237 3.87 10.06 14.09
N TRP C 238 3.97 8.86 14.62
CA TRP C 238 2.75 8.16 15.00
C TRP C 238 2.15 8.42 16.39
N LEU C 239 0.84 8.26 16.51
CA LEU C 239 0.20 8.51 17.77
C LEU C 239 -0.04 7.25 18.52
N VAL C 240 -0.27 6.19 17.76
CA VAL C 240 -0.56 4.88 18.31
C VAL C 240 0.05 3.80 17.44
N SER C 241 0.39 2.67 18.05
CA SER C 241 0.94 1.54 17.31
C SER C 241 0.70 0.25 18.06
N TRP C 242 0.89 -0.87 17.37
CA TRP C 242 0.70 -2.16 18.00
C TRP C 242 1.25 -3.22 17.04
N THR C 243 1.53 -4.41 17.54
CA THR C 243 2.05 -5.44 16.67
C THR C 243 0.96 -6.41 16.21
N GLU C 244 0.82 -6.47 14.90
CA GLU C 244 -0.16 -7.31 14.24
C GLU C 244 0.31 -8.76 14.40
N ASN C 245 -0.60 -9.64 14.73
CA ASN C 245 -0.20 -11.01 15.00
C ASN C 245 0.10 -11.89 13.81
N ILE C 246 -0.42 -11.54 12.65
CA ILE C 246 -0.18 -12.42 11.53
C ILE C 246 1.21 -12.38 10.92
N GLN C 247 1.90 -11.26 10.96
CA GLN C 247 3.24 -11.21 10.41
C GLN C 247 4.21 -10.55 11.40
N GLY C 248 3.71 -10.20 12.57
CA GLY C 248 4.56 -9.59 13.56
C GLY C 248 5.08 -8.22 13.23
N SER C 249 4.44 -7.52 12.29
CA SER C 249 4.85 -6.16 11.94
C SER C 249 4.11 -5.17 12.86
N ILE C 250 4.55 -3.94 12.88
CA ILE C 250 3.91 -2.96 13.75
C ILE C 250 2.92 -2.11 12.94
N LYS C 251 1.70 -1.97 13.44
CA LYS C 251 0.66 -1.14 12.80
C LYS C 251 0.60 0.17 13.56
N TYR C 252 0.36 1.27 12.85
CA TYR C 252 0.30 2.61 13.43
C TYR C 252 -0.98 3.41 13.11
N ILE C 253 -1.25 4.39 13.96
CA ILE C 253 -2.33 5.32 13.72
C ILE C 253 -1.61 6.64 13.43
N MET C 254 -1.76 7.14 12.20
CA MET C 254 -1.11 8.36 11.80
C MET C 254 -2.10 9.41 11.26
N LEU C 255 -1.58 10.55 10.84
CA LEU C 255 -2.38 11.68 10.36
C LEU C 255 -2.75 11.69 8.90
N ASN C 256 -3.81 12.47 8.66
CA ASN C 256 -4.37 12.70 7.35
C ASN C 256 -3.34 13.23 6.38
N PRO C 257 -3.58 13.03 5.07
CA PRO C 257 -2.64 13.53 4.08
C PRO C 257 -2.54 15.05 4.17
N SER C 258 -3.65 15.69 4.53
CA SER C 258 -3.68 17.15 4.65
C SER C 258 -2.91 17.65 5.86
N SER C 259 -2.22 16.73 6.53
CA SER C 259 -1.39 17.10 7.67
C SER C 259 -0.15 17.87 7.24
N ARG C 260 0.31 18.67 8.17
CA ARG C 260 1.50 19.42 7.91
C ARG C 260 2.60 18.39 7.93
N ILE C 261 2.54 17.49 8.88
CA ILE C 261 3.59 16.49 8.97
C ILE C 261 3.63 15.61 7.72
N LYS C 262 2.47 15.24 7.22
CA LYS C 262 2.44 14.43 6.03
C LYS C 262 2.74 15.29 4.83
N GLY C 263 1.95 16.34 4.65
CA GLY C 263 2.16 17.22 3.52
C GLY C 263 3.60 17.62 3.27
N GLU C 264 4.27 17.97 4.35
CA GLU C 264 5.64 18.38 4.26
C GLU C 264 6.53 17.30 3.64
N LYS C 265 6.29 16.03 3.95
CA LYS C 265 7.13 14.98 3.39
C LYS C 265 6.94 14.89 1.91
N ASP C 266 5.69 15.04 1.49
CA ASP C 266 5.33 14.95 0.09
C ASP C 266 6.02 16.07 -0.67
N TRP C 267 6.01 17.25 -0.08
CA TRP C 267 6.65 18.41 -0.66
C TRP C 267 8.13 18.03 -0.82
N GLN C 268 8.73 17.60 0.28
CA GLN C 268 10.11 17.19 0.22
C GLN C 268 10.32 16.11 -0.85
N LYS C 269 9.40 15.15 -0.93
CA LYS C 269 9.49 14.06 -1.90
C LYS C 269 9.63 14.51 -3.33
N TYR C 270 8.80 15.45 -3.74
CA TYR C 270 8.92 15.93 -5.11
C TYR C 270 10.21 16.74 -5.36
N GLU C 271 10.65 17.45 -4.34
CA GLU C 271 11.87 18.23 -4.44
C GLU C 271 13.03 17.34 -4.80
N THR C 272 13.10 16.24 -4.07
CA THR C 272 14.14 15.25 -4.24
C THR C 272 14.12 14.78 -5.67
N ALA C 273 12.92 14.61 -6.22
CA ALA C 273 12.77 14.15 -7.59
C ALA C 273 13.26 15.22 -8.57
N ARG C 274 12.96 16.46 -8.23
CA ARG C 274 13.37 17.55 -9.10
C ARG C 274 14.88 17.58 -9.17
N ARG C 275 15.50 17.29 -8.02
CA ARG C 275 16.94 17.27 -7.97
C ARG C 275 17.48 16.14 -8.81
N LEU C 276 16.75 15.05 -8.87
CA LEU C 276 17.23 13.95 -9.69
C LEU C 276 17.36 14.45 -11.10
N LYS C 277 16.34 15.19 -11.54
CA LYS C 277 16.27 15.75 -12.89
C LYS C 277 17.61 16.32 -13.40
N LYS C 278 18.22 17.15 -12.56
CA LYS C 278 19.49 17.78 -12.89
C LYS C 278 20.61 16.77 -13.02
N CYS C 279 20.71 15.89 -12.02
CA CYS C 279 21.77 14.90 -12.02
C CYS C 279 21.50 13.68 -12.87
N VAL C 280 20.29 13.56 -13.43
CA VAL C 280 20.00 12.37 -14.20
C VAL C 280 20.93 12.18 -15.37
N ASP C 281 21.28 13.27 -16.01
CA ASP C 281 22.17 13.16 -17.15
C ASP C 281 23.51 12.60 -16.72
N LYS C 282 24.07 13.20 -15.68
CA LYS C 282 25.35 12.76 -15.10
C LYS C 282 25.22 11.30 -14.73
N ILE C 283 24.11 10.99 -14.08
CA ILE C 283 23.84 9.64 -13.62
C ILE C 283 23.70 8.61 -14.75
N ARG C 284 22.96 8.98 -15.79
CA ARG C 284 22.76 8.07 -16.92
C ARG C 284 24.08 7.80 -17.64
N ASN C 285 24.95 8.80 -17.69
CA ASN C 285 26.25 8.71 -18.35
C ASN C 285 27.24 7.85 -17.52
N GLN C 286 27.05 7.80 -16.21
CA GLN C 286 27.92 7.00 -15.37
C GLN C 286 27.58 5.52 -15.42
N TYR C 287 26.32 5.15 -15.19
CA TYR C 287 25.92 3.74 -15.25
C TYR C 287 26.01 3.24 -16.69
N ARG C 288 25.94 4.18 -17.62
CA ARG C 288 26.05 3.84 -19.04
C ARG C 288 27.51 3.51 -19.29
N GLU C 289 28.35 3.95 -18.38
CA GLU C 289 29.77 3.70 -18.46
C GLU C 289 30.05 2.37 -17.73
N ASP C 290 29.34 2.19 -16.61
CA ASP C 290 29.47 0.99 -15.76
C ASP C 290 29.04 -0.26 -16.50
N TRP C 291 28.36 -0.09 -17.61
CA TRP C 291 27.89 -1.21 -18.44
C TRP C 291 29.08 -1.96 -19.09
N LYS C 292 30.27 -1.42 -18.91
CA LYS C 292 31.47 -2.01 -19.48
C LYS C 292 32.56 -2.19 -18.44
N SER C 293 32.17 -2.57 -17.23
CA SER C 293 33.12 -2.75 -16.17
C SER C 293 33.66 -4.16 -16.04
N LYS C 294 34.82 -4.25 -15.41
CA LYS C 294 35.51 -5.49 -15.14
C LYS C 294 35.02 -5.89 -13.77
N GLU C 295 33.77 -5.60 -13.52
CA GLU C 295 33.17 -5.95 -12.25
C GLU C 295 31.72 -6.15 -12.52
N MET C 296 31.35 -7.40 -12.78
CA MET C 296 29.97 -7.80 -13.04
C MET C 296 29.09 -7.04 -12.06
N LYS C 297 29.57 -6.89 -10.82
CA LYS C 297 28.89 -6.13 -9.74
C LYS C 297 28.50 -4.72 -10.26
N VAL C 298 29.51 -3.92 -10.61
CA VAL C 298 29.30 -2.59 -11.13
C VAL C 298 28.29 -2.69 -12.30
N ARG C 299 28.39 -3.79 -13.02
CA ARG C 299 27.54 -4.02 -14.16
C ARG C 299 26.17 -4.49 -13.74
N GLN C 300 26.12 -5.25 -12.65
CA GLN C 300 24.83 -5.75 -12.20
C GLN C 300 24.01 -4.61 -11.74
N ARG C 301 24.55 -3.75 -10.91
CA ARG C 301 23.74 -2.63 -10.47
C ARG C 301 23.41 -1.67 -11.62
N ALA C 302 24.37 -1.42 -12.48
CA ALA C 302 24.13 -0.51 -13.57
C ALA C 302 22.98 -0.92 -14.47
N VAL C 303 22.90 -2.20 -14.75
CA VAL C 303 21.86 -2.70 -15.62
C VAL C 303 20.53 -2.50 -14.93
N ALA C 304 20.51 -2.84 -13.64
CA ALA C 304 19.32 -2.71 -12.82
C ALA C 304 18.91 -1.25 -12.70
N LEU C 305 19.90 -0.39 -12.58
CA LEU C 305 19.62 1.02 -12.50
C LEU C 305 18.95 1.43 -13.81
N TYR C 306 19.44 0.87 -14.88
CA TYR C 306 18.91 1.13 -16.20
C TYR C 306 17.42 0.83 -16.30
N PHE C 307 17.06 -0.40 -15.98
CA PHE C 307 15.68 -0.82 -16.03
C PHE C 307 14.83 0.06 -15.16
N ILE C 308 15.33 0.32 -13.97
CA ILE C 308 14.59 1.15 -13.04
C ILE C 308 14.35 2.50 -13.70
N ASP C 309 15.43 3.10 -14.19
CA ASP C 309 15.32 4.40 -14.82
C ASP C 309 14.43 4.33 -16.05
N LYS C 310 14.80 3.48 -16.99
CA LYS C 310 14.08 3.32 -18.24
C LYS C 310 12.68 2.76 -18.15
N LEU C 311 12.53 1.65 -17.44
CA LEU C 311 11.24 0.99 -17.32
C LEU C 311 10.50 1.27 -16.04
N ALA C 312 11.13 1.98 -15.13
CA ALA C 312 10.49 2.30 -13.86
C ALA C 312 10.13 1.09 -13.00
N LEU C 313 10.89 0.03 -13.11
CA LEU C 313 10.64 -1.13 -12.29
C LEU C 313 10.96 -0.66 -10.88
N ARG C 314 10.33 -1.31 -9.90
CA ARG C 314 10.52 -1.03 -8.47
C ARG C 314 11.80 -1.68 -7.97
N ALA C 315 12.37 -1.13 -6.91
CA ALA C 315 13.63 -1.63 -6.37
C ALA C 315 13.71 -3.15 -6.24
N GLY C 316 12.68 -3.78 -5.68
CA GLY C 316 12.71 -5.22 -5.52
C GLY C 316 13.47 -5.76 -4.31
N ASN C 317 12.97 -5.47 -3.12
CA ASN C 317 13.53 -5.99 -1.86
C ASN C 317 13.19 -7.47 -1.68
N GLU C 318 14.15 -8.23 -1.18
CA GLU C 318 13.92 -9.63 -0.96
C GLU C 318 12.82 -9.88 0.05
N LYS C 319 11.99 -10.88 -0.23
CA LYS C 319 10.86 -11.28 0.63
C LYS C 319 11.10 -12.67 1.19
N GLU C 320 10.55 -12.92 2.37
CA GLU C 320 10.68 -14.19 3.09
C GLU C 320 10.13 -15.42 2.41
N GLU C 321 11.07 -16.20 1.93
CA GLU C 321 10.82 -17.44 1.21
C GLU C 321 9.98 -18.40 2.04
N GLY C 322 8.69 -18.44 1.75
CA GLY C 322 7.85 -19.36 2.50
C GLY C 322 6.90 -18.68 3.45
N GLU C 323 7.07 -17.37 3.65
CA GLU C 323 6.18 -16.65 4.56
C GLU C 323 5.36 -15.60 3.85
N THR C 324 5.69 -15.36 2.60
CA THR C 324 4.98 -14.35 1.82
C THR C 324 4.62 -14.85 0.42
N ALA C 325 3.94 -14.00 -0.34
CA ALA C 325 3.56 -14.33 -1.70
C ALA C 325 4.71 -13.84 -2.58
N ASP C 326 5.25 -14.73 -3.39
CA ASP C 326 6.37 -14.42 -4.26
C ASP C 326 6.12 -13.42 -5.38
N THR C 327 6.52 -12.17 -5.16
CA THR C 327 6.44 -11.14 -6.19
C THR C 327 7.84 -10.56 -6.22
N VAL C 328 8.24 -9.97 -7.34
CA VAL C 328 9.59 -9.43 -7.39
C VAL C 328 9.65 -8.04 -7.99
N GLY C 329 10.80 -7.40 -7.80
CA GLY C 329 11.09 -6.07 -8.29
C GLY C 329 12.45 -6.14 -8.95
N CYS C 330 12.92 -5.03 -9.47
CA CYS C 330 14.18 -5.04 -10.15
C CYS C 330 15.31 -5.85 -9.51
N CYS C 331 15.77 -5.43 -8.35
CA CYS C 331 16.88 -6.10 -7.70
C CYS C 331 16.68 -7.53 -7.43
N SER C 332 15.42 -7.93 -7.28
CA SER C 332 15.14 -9.32 -6.94
C SER C 332 14.75 -10.20 -8.13
N LEU C 333 14.81 -9.65 -9.34
CA LEU C 333 14.45 -10.44 -10.52
C LEU C 333 15.23 -11.74 -10.58
N ARG C 334 14.57 -12.78 -11.09
CA ARG C 334 15.22 -14.06 -11.24
C ARG C 334 15.35 -14.41 -12.72
N VAL C 335 16.38 -15.20 -13.01
CA VAL C 335 16.70 -15.67 -14.35
C VAL C 335 15.43 -16.06 -15.10
N GLU C 336 14.56 -16.78 -14.42
CA GLU C 336 13.33 -17.22 -15.01
C GLU C 336 12.38 -16.13 -15.43
N HIS C 337 12.58 -14.91 -14.96
CA HIS C 337 11.64 -13.85 -15.33
C HIS C 337 12.03 -13.12 -16.57
N ILE C 338 13.21 -13.43 -17.03
CA ILE C 338 13.75 -12.81 -18.21
C ILE C 338 14.00 -13.88 -19.24
N ASN C 339 13.79 -13.51 -20.49
CA ASN C 339 14.01 -14.38 -21.65
C ASN C 339 14.45 -13.44 -22.74
N LEU C 340 15.67 -13.65 -23.21
CA LEU C 340 16.30 -12.83 -24.27
C LEU C 340 16.02 -13.29 -25.68
N HIS C 341 15.92 -12.34 -26.60
CA HIS C 341 15.64 -12.64 -27.99
C HIS C 341 16.53 -11.75 -28.84
N PRO C 342 17.59 -12.34 -29.43
CA PRO C 342 18.54 -11.59 -30.26
C PRO C 342 17.79 -10.69 -31.24
N GLU C 343 16.70 -11.19 -31.77
CA GLU C 343 15.90 -10.42 -32.73
C GLU C 343 14.48 -10.84 -32.50
N LEU C 344 13.58 -9.88 -32.62
CA LEU C 344 12.21 -10.25 -32.44
C LEU C 344 11.20 -9.27 -32.97
N ASP C 345 10.29 -9.82 -33.75
CA ASP C 345 9.22 -9.07 -34.33
C ASP C 345 9.84 -7.84 -34.99
N GLY C 346 10.88 -8.10 -35.78
CA GLY C 346 11.56 -7.03 -36.48
C GLY C 346 12.38 -6.20 -35.52
N GLN C 347 12.11 -6.38 -34.24
CA GLN C 347 12.84 -5.67 -33.21
C GLN C 347 14.14 -6.46 -32.97
N GLU C 348 15.21 -5.72 -32.71
CA GLU C 348 16.55 -6.29 -32.46
C GLU C 348 16.99 -6.09 -31.00
N TYR C 349 17.37 -7.18 -30.32
CA TYR C 349 17.83 -7.16 -28.92
C TYR C 349 16.66 -6.96 -27.94
N VAL C 350 15.73 -7.90 -27.92
CA VAL C 350 14.58 -7.78 -27.04
C VAL C 350 14.64 -8.61 -25.78
N VAL C 351 14.36 -7.95 -24.66
CA VAL C 351 14.33 -8.56 -23.34
C VAL C 351 12.84 -8.82 -23.03
N GLU C 352 12.50 -10.07 -22.71
CA GLU C 352 11.10 -10.42 -22.44
C GLU C 352 10.85 -10.64 -20.98
N PHE C 353 10.37 -9.57 -20.33
CA PHE C 353 10.06 -9.57 -18.91
C PHE C 353 8.71 -10.22 -18.63
N ASP C 354 8.68 -11.16 -17.73
CA ASP C 354 7.42 -11.78 -17.36
C ASP C 354 7.51 -12.22 -15.91
N PHE C 355 6.90 -11.43 -15.05
CA PHE C 355 6.91 -11.73 -13.62
C PHE C 355 5.75 -11.03 -12.89
N LEU C 356 5.68 -11.29 -11.58
CA LEU C 356 4.65 -10.70 -10.70
C LEU C 356 5.28 -9.66 -9.84
N GLY C 357 4.85 -8.43 -10.04
CA GLY C 357 5.37 -7.32 -9.26
C GLY C 357 4.59 -7.10 -7.98
N LYS C 358 4.51 -5.84 -7.57
CA LYS C 358 3.80 -5.51 -6.36
C LYS C 358 2.35 -5.96 -6.46
N ASP C 359 1.82 -6.49 -5.37
CA ASP C 359 0.44 -6.96 -5.31
C ASP C 359 0.15 -8.13 -6.25
N SER C 360 1.18 -8.84 -6.67
CA SER C 360 1.00 -9.98 -7.57
C SER C 360 0.46 -9.62 -8.95
N ILE C 361 0.64 -8.36 -9.31
CA ILE C 361 0.24 -7.87 -10.60
C ILE C 361 1.35 -8.22 -11.61
N ARG C 362 0.97 -8.93 -12.65
CA ARG C 362 1.90 -9.35 -13.70
C ARG C 362 2.39 -8.22 -14.58
N TYR C 363 3.72 -8.17 -14.76
CA TYR C 363 4.37 -7.19 -15.62
C TYR C 363 4.97 -7.90 -16.82
N TYR C 364 4.28 -7.87 -17.94
CA TYR C 364 4.80 -8.48 -19.15
C TYR C 364 5.23 -7.34 -20.06
N ASN C 365 6.41 -7.50 -20.65
CA ASN C 365 6.94 -6.49 -21.52
C ASN C 365 8.07 -7.01 -22.42
N LYS C 366 8.08 -6.47 -23.65
CA LYS C 366 9.09 -6.72 -24.69
C LYS C 366 9.91 -5.44 -24.75
N VAL C 367 11.16 -5.50 -24.32
CA VAL C 367 11.92 -4.29 -24.31
C VAL C 367 13.22 -4.30 -25.07
N PRO C 368 13.25 -3.56 -26.16
CA PRO C 368 14.45 -3.48 -26.98
C PRO C 368 15.49 -2.71 -26.19
N VAL C 369 16.52 -3.39 -25.70
CA VAL C 369 17.55 -2.71 -24.93
C VAL C 369 18.81 -2.45 -25.73
N GLU C 370 19.73 -1.71 -25.13
CA GLU C 370 20.97 -1.44 -25.80
C GLU C 370 21.87 -2.68 -25.69
N LYS C 371 22.45 -3.04 -26.82
CA LYS C 371 23.34 -4.20 -26.99
C LYS C 371 24.13 -4.61 -25.76
N ARG C 372 24.98 -3.71 -25.26
CA ARG C 372 25.78 -4.03 -24.09
C ARG C 372 24.93 -4.48 -22.92
N VAL C 373 23.70 -3.96 -22.85
CA VAL C 373 22.77 -4.34 -21.80
C VAL C 373 22.29 -5.75 -22.08
N PHE C 374 21.83 -5.99 -23.31
CA PHE C 374 21.35 -7.31 -23.70
C PHE C 374 22.39 -8.36 -23.44
N LYS C 375 23.59 -8.12 -23.93
CA LYS C 375 24.67 -9.08 -23.75
C LYS C 375 24.94 -9.30 -22.28
N ASN C 376 25.05 -8.20 -21.55
CA ASN C 376 25.30 -8.30 -20.11
C ASN C 376 24.28 -9.23 -19.47
N LEU C 377 23.05 -9.16 -19.96
CA LEU C 377 22.01 -10.02 -19.44
C LEU C 377 22.34 -11.46 -19.76
N GLN C 378 23.10 -11.70 -20.82
CA GLN C 378 23.45 -13.08 -21.13
C GLN C 378 24.50 -13.54 -20.15
N LEU C 379 25.46 -12.66 -19.90
CA LEU C 379 26.54 -12.95 -18.98
C LEU C 379 25.93 -13.27 -17.65
N PHE C 380 24.98 -12.44 -17.21
CA PHE C 380 24.32 -12.65 -15.92
C PHE C 380 23.49 -13.95 -15.82
N MET C 381 23.18 -14.57 -16.95
CA MET C 381 22.38 -15.79 -16.92
C MET C 381 23.21 -17.05 -17.14
N GLU C 382 24.49 -16.83 -17.40
CA GLU C 382 25.46 -17.89 -17.69
C GLU C 382 25.75 -18.85 -16.56
N ASN C 383 25.36 -20.11 -16.77
CA ASN C 383 25.57 -21.20 -15.80
C ASN C 383 24.67 -21.14 -14.57
N LYS C 384 23.59 -20.37 -14.68
CA LYS C 384 22.63 -20.24 -13.59
C LYS C 384 21.40 -21.05 -13.91
N GLN C 385 20.63 -21.36 -12.88
CA GLN C 385 19.40 -22.10 -13.05
C GLN C 385 18.26 -21.06 -12.94
N PRO C 386 17.07 -21.38 -13.46
CA PRO C 386 15.92 -20.48 -13.44
C PRO C 386 15.66 -19.88 -12.07
N GLU C 387 15.60 -20.76 -11.06
CA GLU C 387 15.33 -20.33 -9.70
C GLU C 387 16.42 -19.45 -9.14
N ASP C 388 17.20 -18.84 -10.02
CA ASP C 388 18.26 -18.00 -9.54
C ASP C 388 18.14 -16.51 -9.77
N ASP C 389 18.79 -15.73 -8.92
CA ASP C 389 18.78 -14.29 -9.03
C ASP C 389 19.49 -13.92 -10.31
N LEU C 390 18.90 -12.99 -11.04
CA LEU C 390 19.49 -12.49 -12.26
C LEU C 390 20.68 -11.65 -11.80
N PHE C 391 20.41 -10.76 -10.85
CA PHE C 391 21.42 -9.88 -10.32
C PHE C 391 21.97 -10.45 -9.03
N ASP C 392 22.62 -11.60 -9.17
CA ASP C 392 23.22 -12.33 -8.06
C ASP C 392 24.11 -11.55 -7.11
N ARG C 393 24.85 -10.59 -7.61
CA ARG C 393 25.69 -9.85 -6.72
C ARG C 393 25.08 -8.49 -6.37
N LEU C 394 23.74 -8.40 -6.41
CA LEU C 394 23.09 -7.11 -6.12
C LEU C 394 21.88 -7.17 -5.19
N ASN C 395 21.64 -6.09 -4.45
CA ASN C 395 20.45 -5.94 -3.60
C ASN C 395 20.14 -4.46 -3.43
N THR C 396 18.94 -4.16 -2.96
CA THR C 396 18.48 -2.77 -2.82
C THR C 396 19.36 -1.93 -1.94
N GLY C 397 19.90 -2.57 -0.90
CA GLY C 397 20.79 -1.87 0.00
C GLY C 397 21.98 -1.42 -0.80
N ILE C 398 22.64 -2.37 -1.45
CA ILE C 398 23.77 -2.02 -2.26
C ILE C 398 23.43 -0.92 -3.24
N LEU C 399 22.41 -1.16 -4.06
CA LEU C 399 22.03 -0.18 -5.05
C LEU C 399 21.79 1.20 -4.48
N ASN C 400 20.93 1.28 -3.47
CA ASN C 400 20.60 2.55 -2.88
C ASN C 400 21.79 3.26 -2.25
N LYS C 401 22.73 2.47 -1.73
CA LYS C 401 23.93 3.02 -1.14
C LYS C 401 24.62 3.79 -2.24
N HIS C 402 24.73 3.16 -3.40
CA HIS C 402 25.38 3.78 -4.54
C HIS C 402 24.65 5.05 -4.99
N LEU C 403 23.34 4.97 -5.10
CA LEU C 403 22.53 6.12 -5.52
C LEU C 403 22.76 7.29 -4.58
N GLN C 404 22.81 6.99 -3.30
CA GLN C 404 23.04 8.00 -2.29
C GLN C 404 24.39 8.66 -2.54
N ASP C 405 25.35 7.84 -2.91
CA ASP C 405 26.69 8.33 -3.16
C ASP C 405 26.66 9.24 -4.37
N LEU C 406 25.72 9.04 -5.26
CA LEU C 406 25.63 9.85 -6.46
C LEU C 406 24.88 11.15 -6.21
N MET C 407 23.99 11.11 -5.24
CA MET C 407 23.21 12.27 -4.91
C MET C 407 22.47 11.98 -3.63
N GLU C 408 22.72 12.81 -2.63
CA GLU C 408 22.10 12.70 -1.32
C GLU C 408 20.57 12.71 -1.44
N GLY C 409 19.94 11.69 -0.89
CA GLY C 409 18.49 11.62 -0.95
C GLY C 409 18.00 10.78 -2.11
N LEU C 410 18.89 10.35 -2.98
CA LEU C 410 18.47 9.55 -4.12
C LEU C 410 18.32 8.05 -3.83
N THR C 411 17.09 7.54 -3.98
CA THR C 411 16.82 6.12 -3.82
C THR C 411 16.10 5.68 -5.07
N ALA C 412 15.96 4.39 -5.26
CA ALA C 412 15.32 3.86 -6.45
C ALA C 412 13.97 4.46 -6.75
N LYS C 413 13.13 4.53 -5.75
CA LYS C 413 11.79 5.02 -5.95
C LYS C 413 11.74 6.40 -6.49
N VAL C 414 12.82 7.16 -6.31
CA VAL C 414 12.81 8.53 -6.82
C VAL C 414 12.72 8.54 -8.36
N PHE C 415 13.23 7.49 -8.98
CA PHE C 415 13.15 7.43 -10.42
C PHE C 415 11.69 7.34 -10.92
N ARG C 416 10.83 6.71 -10.13
CA ARG C 416 9.43 6.58 -10.53
C ARG C 416 8.75 7.92 -10.41
N THR C 417 9.05 8.65 -9.36
CA THR C 417 8.44 9.96 -9.19
C THR C 417 8.93 10.86 -10.33
N TYR C 418 10.25 10.93 -10.47
CA TYR C 418 10.84 11.78 -11.48
C TYR C 418 10.34 11.49 -12.88
N ASN C 419 10.33 10.22 -13.26
CA ASN C 419 9.88 9.85 -14.60
C ASN C 419 8.45 10.22 -14.84
N ALA C 420 7.63 10.02 -13.83
CA ALA C 420 6.22 10.33 -13.96
C ALA C 420 5.95 11.82 -14.01
N SER C 421 6.62 12.55 -13.14
CA SER C 421 6.38 13.96 -13.10
C SER C 421 6.78 14.69 -14.36
N ILE C 422 7.98 14.39 -14.85
CA ILE C 422 8.48 15.03 -16.05
C ILE C 422 7.63 14.78 -17.29
N THR C 423 7.14 13.56 -17.40
CA THR C 423 6.33 13.17 -18.54
C THR C 423 5.06 13.96 -18.63
N LEU C 424 4.34 14.03 -17.51
CA LEU C 424 3.12 14.77 -17.48
C LEU C 424 3.45 16.22 -17.81
N GLN C 425 4.52 16.75 -17.23
CA GLN C 425 4.85 18.14 -17.50
C GLN C 425 5.06 18.41 -18.96
N GLN C 426 5.87 17.59 -19.60
CA GLN C 426 6.14 17.80 -21.00
C GLN C 426 4.96 17.44 -21.91
N GLN C 427 4.18 16.43 -21.54
CA GLN C 427 3.02 16.05 -22.35
C GLN C 427 1.92 17.10 -22.20
N LEU C 428 1.98 17.87 -21.14
CA LEU C 428 0.99 18.90 -20.93
C LEU C 428 1.31 20.10 -21.80
N LYS C 429 2.59 20.34 -22.03
CA LYS C 429 2.91 21.48 -22.85
C LYS C 429 2.58 21.07 -24.26
N GLU C 430 3.06 19.90 -24.65
CA GLU C 430 2.87 19.38 -26.00
C GLU C 430 1.44 19.12 -26.44
N LEU C 431 0.57 18.75 -25.52
CA LEU C 431 -0.78 18.44 -25.94
C LEU C 431 -1.83 19.49 -25.65
N THR C 432 -1.53 20.40 -24.76
CA THR C 432 -2.51 21.42 -24.45
C THR C 432 -2.74 22.31 -25.64
N ALA C 433 -3.98 22.36 -26.10
CA ALA C 433 -4.36 23.21 -27.22
C ALA C 433 -4.46 24.65 -26.72
N PRO C 434 -3.53 25.54 -27.14
CA PRO C 434 -3.51 26.96 -26.71
C PRO C 434 -4.75 27.79 -26.96
N ASP C 435 -5.73 27.21 -27.64
CA ASP C 435 -6.98 27.92 -27.96
C ASP C 435 -8.11 26.93 -27.72
N GLU C 436 -8.08 26.34 -26.54
CA GLU C 436 -9.05 25.33 -26.19
C GLU C 436 -10.27 25.70 -25.37
N ASN C 437 -11.13 24.71 -25.25
CA ASN C 437 -12.36 24.79 -24.49
C ASN C 437 -12.11 24.00 -23.21
N ILE C 438 -12.30 24.71 -22.12
CA ILE C 438 -12.10 24.23 -20.77
C ILE C 438 -12.29 22.69 -20.66
N PRO C 439 -13.41 22.10 -21.18
CA PRO C 439 -13.55 20.64 -21.06
C PRO C 439 -12.57 19.80 -21.90
N ALA C 440 -12.33 20.21 -23.14
CA ALA C 440 -11.41 19.46 -24.03
C ALA C 440 -9.99 19.53 -23.53
N LYS C 441 -9.64 20.67 -22.98
CA LYS C 441 -8.32 20.83 -22.41
C LYS C 441 -8.18 19.84 -21.29
N ILE C 442 -9.27 19.66 -20.55
CA ILE C 442 -9.30 18.71 -19.47
C ILE C 442 -9.04 17.35 -20.12
N LEU C 443 -9.43 17.22 -21.38
CA LEU C 443 -9.18 15.99 -22.09
C LEU C 443 -7.69 15.96 -22.31
N SER C 444 -7.17 17.08 -22.77
CA SER C 444 -5.75 17.21 -22.99
C SER C 444 -5.09 16.77 -21.71
N TYR C 445 -5.66 17.20 -20.60
CA TYR C 445 -5.10 16.83 -19.32
C TYR C 445 -5.09 15.31 -19.20
N ASN C 446 -6.17 14.67 -19.61
CA ASN C 446 -6.24 13.21 -19.54
C ASN C 446 -5.31 12.56 -20.52
N ARG C 447 -5.17 13.19 -21.66
CA ARG C 447 -4.30 12.62 -22.65
C ARG C 447 -2.89 12.71 -22.14
N ALA C 448 -2.53 13.86 -21.57
CA ALA C 448 -1.18 14.01 -21.05
C ALA C 448 -1.08 13.04 -19.91
N ASN C 449 -2.16 12.98 -19.17
CA ASN C 449 -2.25 12.15 -18.03
C ASN C 449 -2.31 10.69 -18.42
N ARG C 450 -2.34 10.38 -19.72
CA ARG C 450 -2.40 8.97 -20.11
C ARG C 450 -1.04 8.29 -20.15
N ALA C 451 -0.13 8.77 -20.99
CA ALA C 451 1.21 8.18 -21.09
C ALA C 451 1.98 8.14 -19.78
N VAL C 452 1.65 9.02 -18.86
CA VAL C 452 2.27 9.00 -17.52
C VAL C 452 1.72 7.63 -16.99
N LYS C 546 -0.86 8.83 -11.31
CA LYS C 546 -1.49 8.67 -9.96
C LYS C 546 -1.07 9.80 -9.02
N LEU C 547 -1.98 10.13 -8.10
CA LEU C 547 -1.78 11.18 -7.12
C LEU C 547 -0.54 10.94 -6.26
N ASN C 548 0.24 9.92 -6.59
CA ASN C 548 1.41 9.64 -5.79
C ASN C 548 2.72 9.93 -6.44
N PTR C 549 2.81 9.80 -7.77
CA PTR C 549 4.09 10.06 -8.41
C PTR C 549 4.16 11.33 -9.21
O PTR C 549 5.13 11.58 -9.91
CB PTR C 549 4.46 8.87 -9.32
CG PTR C 549 4.56 7.55 -8.58
CD1 PTR C 549 3.47 6.68 -8.49
CD2 PTR C 549 5.73 7.19 -7.94
CE1 PTR C 549 3.56 5.48 -7.77
CE2 PTR C 549 5.83 6.00 -7.23
CZ PTR C 549 4.75 5.15 -7.14
OH PTR C 549 4.94 4.02 -6.37
P PTR C 549 3.99 2.88 -6.28
O1P PTR C 549 3.68 2.71 -7.75
O2P PTR C 549 4.87 1.86 -5.67
O3P PTR C 549 2.76 3.42 -5.38
N LEU C 550 3.16 12.17 -9.04
CA LEU C 550 3.06 13.41 -9.79
C LEU C 550 3.12 14.66 -8.96
N ASP C 551 4.13 15.50 -9.18
CA ASP C 551 4.21 16.73 -8.42
C ASP C 551 2.98 17.51 -8.79
N PRO C 552 2.09 17.68 -7.83
CA PRO C 552 0.83 18.42 -8.01
C PRO C 552 1.00 19.84 -8.52
N ARG C 553 2.13 20.45 -8.17
CA ARG C 553 2.41 21.82 -8.59
C ARG C 553 2.33 21.90 -10.09
N ILE C 554 2.70 20.82 -10.75
CA ILE C 554 2.66 20.79 -12.20
C ILE C 554 1.23 21.03 -12.71
N THR C 555 0.27 20.37 -12.12
CA THR C 555 -1.09 20.52 -12.53
C THR C 555 -1.60 21.83 -12.04
N VAL C 556 -1.01 22.31 -10.96
CA VAL C 556 -1.42 23.57 -10.38
C VAL C 556 -1.02 24.67 -11.37
N ALA C 557 0.18 24.55 -11.95
CA ALA C 557 0.66 25.56 -12.90
C ALA C 557 -0.22 25.64 -14.14
N TRP C 558 -0.40 24.50 -14.77
CA TRP C 558 -1.21 24.40 -15.97
C TRP C 558 -2.62 24.98 -15.83
N CYS C 559 -3.28 24.66 -14.72
CA CYS C 559 -4.64 25.16 -14.47
C CYS C 559 -4.76 26.69 -14.39
N LYS C 560 -3.72 27.33 -13.87
CA LYS C 560 -3.70 28.78 -13.75
C LYS C 560 -3.39 29.45 -15.09
N LYS C 561 -2.30 29.01 -15.69
CA LYS C 561 -1.86 29.52 -16.97
C LYS C 561 -3.01 29.45 -17.95
N TRP C 562 -3.76 28.39 -17.85
CA TRP C 562 -4.86 28.21 -18.75
C TRP C 562 -6.21 28.59 -18.16
N GLY C 563 -6.20 29.22 -17.00
CA GLY C 563 -7.44 29.64 -16.37
C GLY C 563 -8.45 28.54 -16.08
N VAL C 564 -7.99 27.29 -16.08
CA VAL C 564 -8.86 26.17 -15.78
C VAL C 564 -8.94 26.06 -14.25
N PRO C 565 -10.14 26.23 -13.70
CA PRO C 565 -10.27 26.14 -12.25
C PRO C 565 -9.70 24.86 -11.75
N ILE C 566 -8.89 24.98 -10.71
CA ILE C 566 -8.26 23.83 -10.08
C ILE C 566 -9.37 22.86 -9.70
N GLU C 567 -10.50 23.42 -9.30
CA GLU C 567 -11.65 22.64 -8.91
C GLU C 567 -12.07 21.66 -9.99
N LYS C 568 -11.73 21.97 -11.23
CA LYS C 568 -12.08 21.14 -12.37
C LYS C 568 -11.27 19.85 -12.47
N ILE C 569 -10.08 19.86 -11.87
CA ILE C 569 -9.19 18.68 -11.89
C ILE C 569 -9.06 18.01 -10.53
N TYR C 570 -8.87 18.81 -9.50
CA TYR C 570 -8.72 18.29 -8.17
C TYR C 570 -10.01 18.48 -7.40
N ASN C 571 -10.47 17.44 -6.72
CA ASN C 571 -11.69 17.58 -5.91
C ASN C 571 -11.39 18.25 -4.56
N LYS C 572 -12.43 18.42 -3.75
CA LYS C 572 -12.30 19.03 -2.43
C LYS C 572 -11.11 18.50 -1.64
N THR C 573 -11.06 17.19 -1.52
CA THR C 573 -10.01 16.59 -0.75
C THR C 573 -8.63 16.71 -1.33
N GLN C 574 -8.54 16.66 -2.65
CA GLN C 574 -7.25 16.77 -3.27
C GLN C 574 -6.79 18.17 -3.04
N ARG C 575 -7.73 19.09 -3.09
CA ARG C 575 -7.37 20.46 -2.84
C ARG C 575 -6.96 20.55 -1.38
N GLU C 576 -7.59 19.74 -0.54
CA GLU C 576 -7.26 19.72 0.87
C GLU C 576 -5.83 19.27 0.94
N LYS C 577 -5.59 18.09 0.39
CA LYS C 577 -4.27 17.50 0.40
C LYS C 577 -3.22 18.35 -0.29
N PHE C 578 -3.54 18.89 -1.47
CA PHE C 578 -2.57 19.67 -2.24
C PHE C 578 -2.59 21.18 -2.05
N ALA C 579 -3.16 21.59 -0.94
CA ALA C 579 -3.26 23.01 -0.62
C ALA C 579 -1.94 23.76 -0.76
N TRP C 580 -0.87 23.07 -0.43
CA TRP C 580 0.48 23.61 -0.45
C TRP C 580 1.00 23.85 -1.84
N ALA C 581 0.66 22.95 -2.74
CA ALA C 581 1.10 23.08 -4.12
C ALA C 581 0.22 24.16 -4.75
N ILE C 582 -1.04 24.16 -4.37
CA ILE C 582 -2.03 25.09 -4.87
C ILE C 582 -1.69 26.53 -4.54
N ASP C 583 -1.09 26.73 -3.38
CA ASP C 583 -0.77 28.07 -2.97
C ASP C 583 0.66 28.52 -3.20
N MET C 584 1.59 27.59 -3.34
CA MET C 584 2.98 28.00 -3.54
C MET C 584 3.50 27.85 -4.96
N ALA C 585 2.60 27.67 -5.92
CA ALA C 585 3.02 27.50 -7.32
C ALA C 585 2.22 28.34 -8.28
N ASP C 586 2.90 28.91 -9.28
CA ASP C 586 2.26 29.76 -10.29
C ASP C 586 2.33 29.23 -11.72
N GLU C 587 1.56 29.86 -12.60
CA GLU C 587 1.47 29.51 -14.03
C GLU C 587 2.88 29.40 -14.64
N ASP C 588 3.85 29.81 -13.85
CA ASP C 588 5.24 29.78 -14.26
C ASP C 588 5.92 28.48 -13.82
N TYR C 589 5.26 27.66 -13.00
CA TYR C 589 5.88 26.43 -12.50
C TYR C 589 6.39 25.45 -13.53
N GLU C 590 7.59 24.96 -13.24
CA GLU C 590 8.27 23.99 -14.08
C GLU C 590 9.02 23.06 -13.13
N PHE C 591 8.56 21.82 -13.12
CA PHE C 591 9.12 20.75 -12.30
C PHE C 591 10.61 20.70 -12.49
#